data_4XCC
#
_entry.id   4XCC
#
_cell.length_a   108.071
_cell.length_b   108.071
_cell.length_c   186.247
_cell.angle_alpha   90.00
_cell.angle_beta   90.00
_cell.angle_gamma   90.00
#
_symmetry.space_group_name_H-M   'I 4 2 2'
#
loop_
_entity.id
_entity.type
_entity.pdbx_description
1 polymer '4E10 Fab light chain'
2 polymer '4E10 Fab Heavy chain'
3 non-polymer GLYCEROL
4 water water
#
loop_
_entity_poly.entity_id
_entity_poly.type
_entity_poly.pdbx_seq_one_letter_code
_entity_poly.pdbx_strand_id
1 'polypeptide(L)'
;EIVLTQSPGTQSLSPGERATLSCRASQSVGNNKLAWYQQRPGQAPRLLIYGASSRPSGVADRFSGSGSGTDFTLTISRLE
PEDFAVYYCQQYGQSLSTFGQGTKVEVKRTVAAPSVFIFPPSDEQLKSGTASVVCLLNNFYPREAKVQWKVDNALQSGNS
QESVTEQDSKDSTYSLSSTLTLSKADYEKHKVYACEVTHQGLSSPVTKSFNRGEC
;
L
2 'polypeptide(L)'
;QVQLVQSGAEVKRPGSSVTVSCKASGGSFSTYALSWVRQAPGRGLEWMGGVIPLLTITNYAPRFQGRITITADRSTSTAY
LELNSLRPEDTAVYYCAREGTTGWGWLGKPIGAFAHWGQGTLVTVSSASTKGPSVFPLAPSSKSTSGGTAALGCLVKDYF
PEPVTVSWNSGALTSGVHTFPAVLQSSGLYSLSSVVTVPSSSLGTQTYICNVNHKPSNTKVDKKVEPKSC
;
H
#
loop_
_chem_comp.id
_chem_comp.type
_chem_comp.name
_chem_comp.formula
GOL non-polymer GLYCEROL 'C3 H8 O3'
#
# COMPACT_ATOMS: atom_id res chain seq x y z
N GLU A 1 25.79 -3.58 -12.26
CA GLU A 1 24.39 -3.19 -12.27
C GLU A 1 24.24 -1.69 -11.99
N ILE A 2 23.43 -1.02 -12.81
CA ILE A 2 23.15 0.39 -12.60
C ILE A 2 22.20 0.60 -11.44
N VAL A 3 22.64 1.36 -10.43
CA VAL A 3 21.81 1.67 -9.29
C VAL A 3 21.28 3.10 -9.37
N LEU A 4 19.95 3.24 -9.37
CA LEU A 4 19.32 4.55 -9.44
C LEU A 4 18.88 5.01 -8.05
N THR A 5 19.41 6.15 -7.62
CA THR A 5 19.08 6.69 -6.31
C THR A 5 18.35 8.02 -6.44
N GLN A 6 17.09 8.04 -6.04
CA GLN A 6 16.27 9.24 -6.17
C GLN A 6 16.40 10.16 -4.97
N SER A 7 16.22 11.45 -5.20
CA SER A 7 16.35 12.44 -4.14
C SER A 7 15.33 13.56 -4.32
N PRO A 8 14.63 13.93 -3.23
CA PRO A 8 14.75 13.29 -1.91
C PRO A 8 13.85 12.06 -1.80
N GLY A 9 13.63 11.59 -0.57
CA GLY A 9 12.73 10.48 -0.33
C GLY A 9 11.28 10.91 -0.24
N THR A 10 11.05 11.99 0.49
CA THR A 10 9.70 12.55 0.65
C THR A 10 9.71 14.05 0.37
N GLN A 11 8.71 14.54 -0.35
CA GLN A 11 8.63 15.94 -0.71
C GLN A 11 7.25 16.50 -0.38
N SER A 12 7.21 17.62 0.35
CA SER A 12 5.95 18.22 0.79
C SER A 12 5.76 19.62 0.24
N LEU A 13 4.85 19.75 -0.71
CA LEU A 13 4.60 21.03 -1.36
C LEU A 13 3.13 21.40 -1.37
N SER A 14 2.83 22.61 -1.81
CA SER A 14 1.45 23.07 -1.89
C SER A 14 0.93 22.98 -3.32
N PRO A 15 -0.39 22.74 -3.47
CA PRO A 15 -1.03 22.66 -4.78
C PRO A 15 -0.85 23.94 -5.59
N GLY A 16 0.19 23.99 -6.42
CA GLY A 16 0.45 25.15 -7.25
C GLY A 16 1.94 25.42 -7.43
N GLU A 17 2.75 24.97 -6.47
CA GLU A 17 4.18 25.19 -6.50
C GLU A 17 4.89 24.24 -7.47
N ARG A 18 6.18 24.50 -7.70
CA ARG A 18 6.99 23.66 -8.59
C ARG A 18 7.66 22.53 -7.84
N ALA A 19 7.65 21.33 -8.44
CA ALA A 19 8.29 20.16 -7.86
C ALA A 19 9.49 19.71 -8.67
N THR A 20 10.64 19.58 -8.02
CA THR A 20 11.86 19.14 -8.68
C THR A 20 12.35 17.83 -8.08
N LEU A 21 12.44 16.79 -8.92
CA LEU A 21 12.85 15.48 -8.44
C LEU A 21 14.17 15.05 -9.07
N SER A 22 15.07 14.53 -8.23
CA SER A 22 16.40 14.14 -8.68
C SER A 22 16.56 12.64 -8.86
N CYS A 23 17.33 12.24 -9.87
CA CYS A 23 17.63 10.83 -10.12
C CYS A 23 19.08 10.69 -10.55
N ARG A 24 19.85 9.88 -9.81
CA ARG A 24 21.27 9.70 -10.12
C ARG A 24 21.65 8.23 -10.26
N ALA A 25 22.48 7.94 -11.25
CA ALA A 25 22.91 6.57 -11.54
C ALA A 25 24.32 6.29 -11.04
N SER A 26 24.63 5.02 -10.76
CA SER A 26 25.96 4.64 -10.28
C SER A 26 26.98 4.82 -11.38
N GLN A 27 26.63 4.40 -12.60
CA GLN A 27 27.47 4.65 -13.76
C GLN A 27 26.68 5.46 -14.79
N SER A 28 26.94 5.25 -16.08
CA SER A 28 26.30 6.04 -17.11
C SER A 28 25.17 5.28 -17.81
N VAL A 29 24.11 6.01 -18.19
CA VAL A 29 22.97 5.39 -18.87
C VAL A 29 23.13 5.51 -20.38
N GLY A 30 23.37 4.38 -21.04
CA GLY A 30 23.60 4.35 -22.47
C GLY A 30 22.39 4.73 -23.31
N ASN A 31 22.57 5.70 -24.20
CA ASN A 31 21.51 6.12 -25.11
C ASN A 31 20.42 6.94 -24.43
N ASN A 32 20.74 7.53 -23.28
CA ASN A 32 19.80 8.32 -22.50
C ASN A 32 18.51 7.56 -22.18
N LYS A 33 18.61 6.24 -22.06
CA LYS A 33 17.45 5.42 -21.73
C LYS A 33 17.02 5.65 -20.29
N LEU A 34 16.35 6.77 -20.06
CA LEU A 34 15.87 7.12 -18.72
C LEU A 34 14.38 7.45 -18.77
N ALA A 35 13.59 6.72 -17.99
CA ALA A 35 12.14 6.91 -17.99
C ALA A 35 11.59 7.26 -16.61
N TRP A 36 10.54 8.07 -16.57
CA TRP A 36 9.87 8.43 -15.32
C TRP A 36 8.46 7.83 -15.26
N TYR A 37 7.99 7.55 -14.05
CA TYR A 37 6.67 6.96 -13.85
C TYR A 37 5.90 7.62 -12.71
N GLN A 38 4.58 7.47 -12.74
CA GLN A 38 3.70 7.97 -11.69
C GLN A 38 2.88 6.82 -11.12
N GLN A 39 2.60 6.85 -9.83
CA GLN A 39 1.79 5.80 -9.23
C GLN A 39 1.00 6.26 -8.01
N ARG A 40 -0.31 6.40 -8.18
CA ARG A 40 -1.21 6.61 -7.06
C ARG A 40 -1.41 5.29 -6.35
N PRO A 41 -1.69 5.32 -5.04
CA PRO A 41 -1.88 4.08 -4.28
C PRO A 41 -3.00 3.20 -4.85
N GLY A 42 -2.69 1.94 -5.10
CA GLY A 42 -3.67 0.98 -5.58
C GLY A 42 -3.74 0.89 -7.10
N GLN A 43 -2.96 1.74 -7.77
CA GLN A 43 -2.98 1.78 -9.23
C GLN A 43 -1.65 1.34 -9.84
N ALA A 44 -1.71 0.85 -11.08
CA ALA A 44 -0.51 0.47 -11.80
C ALA A 44 0.30 1.72 -12.17
N PRO A 45 1.62 1.58 -12.32
CA PRO A 45 2.49 2.69 -12.73
C PRO A 45 2.05 3.32 -14.05
N ARG A 46 2.41 4.57 -14.28
CA ARG A 46 2.02 5.30 -15.48
C ARG A 46 3.19 6.10 -16.06
N LEU A 47 3.48 5.85 -17.33
CA LEU A 47 4.60 6.50 -18.00
C LEU A 47 4.35 8.00 -18.20
N LEU A 48 5.31 8.81 -17.77
CA LEU A 48 5.23 10.26 -17.93
C LEU A 48 6.30 10.77 -18.88
N ILE A 49 7.50 10.21 -18.75
CA ILE A 49 8.65 10.64 -19.53
C ILE A 49 9.44 9.44 -20.02
N TYR A 50 9.78 9.44 -21.31
CA TYR A 50 10.68 8.44 -21.87
C TYR A 50 11.78 9.13 -22.66
N GLY A 51 12.92 8.45 -22.81
CA GLY A 51 14.05 9.05 -23.49
C GLY A 51 14.55 10.27 -22.75
N ALA A 52 14.42 10.22 -21.42
CA ALA A 52 14.88 11.27 -20.52
C ALA A 52 14.13 12.60 -20.64
N SER A 53 13.58 12.90 -21.82
CA SER A 53 12.96 14.19 -22.06
C SER A 53 11.64 14.14 -22.81
N SER A 54 11.45 13.10 -23.62
CA SER A 54 10.24 13.01 -24.46
C SER A 54 8.99 12.76 -23.62
N ARG A 55 7.88 13.34 -24.07
CA ARG A 55 6.61 13.19 -23.37
C ARG A 55 5.55 12.55 -24.28
N PRO A 56 4.98 11.43 -23.83
CA PRO A 56 3.90 10.75 -24.56
C PRO A 56 2.66 11.62 -24.70
N SER A 57 1.95 11.50 -25.81
CA SER A 57 0.72 12.25 -26.01
C SER A 57 -0.33 11.81 -25.00
N GLY A 58 -1.01 12.79 -24.39
CA GLY A 58 -1.96 12.50 -23.34
C GLY A 58 -1.42 12.95 -21.99
N VAL A 59 -0.10 12.99 -21.87
CA VAL A 59 0.55 13.48 -20.66
C VAL A 59 0.59 15.00 -20.66
N ALA A 60 0.21 15.60 -19.53
CA ALA A 60 0.15 17.05 -19.40
C ALA A 60 1.49 17.72 -19.68
N ASP A 61 1.44 18.94 -20.18
CA ASP A 61 2.64 19.67 -20.57
C ASP A 61 3.44 20.16 -19.38
N ARG A 62 2.81 20.17 -18.21
CA ARG A 62 3.46 20.63 -17.00
C ARG A 62 4.52 19.65 -16.51
N PHE A 63 4.56 18.46 -17.10
CA PHE A 63 5.61 17.49 -16.83
C PHE A 63 6.74 17.65 -17.84
N SER A 64 7.98 17.61 -17.36
CA SER A 64 9.15 17.75 -18.23
C SER A 64 10.37 17.03 -17.65
N GLY A 65 11.04 16.24 -18.48
CA GLY A 65 12.23 15.54 -18.05
C GLY A 65 13.49 16.16 -18.62
N SER A 66 14.50 16.33 -17.78
CA SER A 66 15.79 16.85 -18.23
C SER A 66 16.94 16.02 -17.67
N GLY A 67 18.16 16.46 -17.93
CA GLY A 67 19.34 15.78 -17.43
C GLY A 67 19.97 14.88 -18.48
N SER A 68 21.23 14.53 -18.26
CA SER A 68 21.98 13.68 -19.18
C SER A 68 23.19 13.06 -18.49
N GLY A 69 23.51 11.84 -18.89
CA GLY A 69 24.67 11.16 -18.35
C GLY A 69 24.45 10.43 -17.04
N THR A 70 24.39 11.19 -15.94
CA THR A 70 24.34 10.59 -14.61
C THR A 70 23.20 11.12 -13.74
N ASP A 71 23.04 12.44 -13.69
CA ASP A 71 21.94 12.99 -12.90
C ASP A 71 20.84 13.55 -13.80
N PHE A 72 19.62 13.09 -13.57
CA PHE A 72 18.46 13.53 -14.34
C PHE A 72 17.49 14.27 -13.44
N THR A 73 16.51 14.93 -14.03
CA THR A 73 15.55 15.71 -13.25
C THR A 73 14.15 15.74 -13.85
N LEU A 74 13.19 15.14 -13.16
CA LEU A 74 11.79 15.29 -13.49
C LEU A 74 11.28 16.60 -12.88
N THR A 75 10.46 17.32 -13.63
CA THR A 75 9.98 18.61 -13.16
C THR A 75 8.50 18.80 -13.44
N ILE A 76 7.76 19.23 -12.42
CA ILE A 76 6.35 19.55 -12.55
C ILE A 76 6.15 21.04 -12.29
N SER A 77 5.76 21.78 -13.31
CA SER A 77 5.63 23.23 -13.23
C SER A 77 4.60 23.64 -12.17
N ARG A 78 3.34 23.29 -12.42
CA ARG A 78 2.26 23.60 -11.48
C ARG A 78 1.64 22.31 -10.95
N LEU A 79 1.79 22.07 -9.65
CA LEU A 79 1.29 20.86 -9.02
C LEU A 79 -0.22 20.86 -8.89
N GLU A 80 -0.88 20.14 -9.79
CA GLU A 80 -2.31 19.91 -9.69
C GLU A 80 -2.55 18.87 -8.59
N PRO A 81 -3.76 18.86 -7.98
CA PRO A 81 -4.09 17.93 -6.90
C PRO A 81 -3.84 16.47 -7.24
N GLU A 82 -4.00 16.10 -8.50
CA GLU A 82 -3.85 14.71 -8.92
C GLU A 82 -2.39 14.30 -9.11
N ASP A 83 -1.49 15.26 -8.99
CA ASP A 83 -0.06 15.01 -9.19
C ASP A 83 0.65 14.56 -7.90
N PHE A 84 -0.11 14.43 -6.82
CA PHE A 84 0.48 14.03 -5.55
C PHE A 84 0.47 12.51 -5.39
N ALA A 85 1.59 11.89 -5.74
CA ALA A 85 1.73 10.45 -5.64
C ALA A 85 3.21 10.08 -5.51
N VAL A 86 3.54 8.85 -5.87
CA VAL A 86 4.93 8.39 -5.84
C VAL A 86 5.48 8.32 -7.26
N TYR A 87 6.71 8.80 -7.44
CA TYR A 87 7.34 8.84 -8.75
C TYR A 87 8.61 7.98 -8.81
N TYR A 88 8.68 7.14 -9.84
CA TYR A 88 9.84 6.28 -10.04
C TYR A 88 10.61 6.65 -11.30
N CYS A 89 11.93 6.53 -11.25
CA CYS A 89 12.75 6.68 -12.46
C CYS A 89 13.26 5.31 -12.87
N GLN A 90 13.56 5.15 -14.16
CA GLN A 90 13.95 3.84 -14.70
C GLN A 90 14.99 3.93 -15.81
N GLN A 91 16.00 3.07 -15.75
CA GLN A 91 16.91 2.94 -16.87
C GLN A 91 16.56 1.69 -17.67
N TYR A 92 16.61 1.80 -18.99
CA TYR A 92 16.27 0.70 -19.87
C TYR A 92 17.26 0.59 -21.03
N GLY A 93 18.52 0.91 -20.75
CA GLY A 93 19.57 0.90 -21.76
C GLY A 93 20.55 -0.24 -21.55
N GLN A 94 20.20 -1.18 -20.68
CA GLN A 94 21.01 -2.38 -20.48
C GLN A 94 20.12 -3.63 -20.47
N SER A 95 20.74 -4.79 -20.71
CA SER A 95 20.04 -6.07 -20.76
C SER A 95 19.16 -6.29 -19.54
N LEU A 96 19.65 -5.87 -18.38
CA LEU A 96 18.88 -5.92 -17.15
C LEU A 96 18.40 -4.52 -16.81
N SER A 97 17.12 -4.37 -16.48
CA SER A 97 16.54 -3.07 -16.18
C SER A 97 16.32 -2.87 -14.67
N THR A 98 16.56 -1.65 -14.19
CA THR A 98 16.42 -1.33 -12.77
C THR A 98 15.61 -0.06 -12.51
N PHE A 99 14.97 -0.01 -11.36
CA PHE A 99 14.20 1.17 -10.94
C PHE A 99 14.84 1.88 -9.76
N GLY A 100 14.46 3.13 -9.56
CA GLY A 100 14.83 3.85 -8.35
C GLY A 100 13.93 3.42 -7.20
N GLN A 101 14.26 3.85 -5.99
CA GLN A 101 13.45 3.47 -4.83
C GLN A 101 12.16 4.28 -4.80
N GLY A 102 12.16 5.41 -5.50
CA GLY A 102 10.96 6.22 -5.63
C GLY A 102 10.90 7.39 -4.67
N THR A 103 10.35 8.50 -5.15
CA THR A 103 10.17 9.69 -4.32
C THR A 103 8.69 10.00 -4.15
N LYS A 104 8.24 10.08 -2.89
CA LYS A 104 6.85 10.41 -2.63
C LYS A 104 6.63 11.91 -2.59
N VAL A 105 5.61 12.37 -3.31
CA VAL A 105 5.24 13.79 -3.30
C VAL A 105 3.91 13.97 -2.56
N GLU A 106 4.00 14.40 -1.31
CA GLU A 106 2.81 14.60 -0.49
C GLU A 106 2.43 16.08 -0.39
N VAL A 107 1.23 16.33 0.13
CA VAL A 107 0.72 17.69 0.24
C VAL A 107 1.20 18.38 1.51
N LYS A 108 1.74 19.58 1.36
CA LYS A 108 2.15 20.40 2.49
C LYS A 108 0.96 21.21 3.02
N ARG A 109 0.62 21.00 4.28
CA ARG A 109 -0.47 21.74 4.90
C ARG A 109 -0.09 22.24 6.30
N THR A 110 -1.01 22.97 6.91
CA THR A 110 -0.81 23.50 8.25
C THR A 110 -0.64 22.37 9.25
N VAL A 111 0.24 22.59 10.23
CA VAL A 111 0.48 21.62 11.29
C VAL A 111 -0.81 21.31 12.05
N ALA A 112 -1.09 20.01 12.24
CA ALA A 112 -2.30 19.60 12.94
C ALA A 112 -2.01 18.57 14.03
N ALA A 113 -2.46 18.85 15.24
CA ALA A 113 -2.27 17.94 16.36
C ALA A 113 -3.20 16.74 16.27
N PRO A 114 -2.70 15.55 16.62
CA PRO A 114 -3.51 14.33 16.58
C PRO A 114 -4.50 14.23 17.74
N SER A 115 -5.70 13.74 17.44
CA SER A 115 -6.69 13.46 18.47
C SER A 115 -6.53 12.02 18.96
N VAL A 116 -6.02 11.87 20.17
CA VAL A 116 -5.65 10.55 20.66
C VAL A 116 -6.80 9.83 21.36
N PHE A 117 -7.05 8.59 20.95
CA PHE A 117 -8.06 7.75 21.58
C PHE A 117 -7.45 6.40 21.95
N ILE A 118 -7.82 5.89 23.12
CA ILE A 118 -7.35 4.58 23.55
C ILE A 118 -8.54 3.64 23.76
N PHE A 119 -8.36 2.37 23.40
CA PHE A 119 -9.43 1.39 23.52
C PHE A 119 -8.99 0.13 24.25
N PRO A 120 -9.64 -0.16 25.38
CA PRO A 120 -9.40 -1.41 26.12
C PRO A 120 -9.88 -2.62 25.34
N PRO A 121 -9.32 -3.80 25.62
CA PRO A 121 -9.79 -5.02 24.94
C PRO A 121 -11.21 -5.37 25.38
N SER A 122 -12.02 -5.89 24.46
CA SER A 122 -13.38 -6.26 24.78
C SER A 122 -13.40 -7.57 25.56
N ASP A 123 -14.42 -7.75 26.40
CA ASP A 123 -14.60 -8.97 27.18
C ASP A 123 -14.70 -10.18 26.26
N GLU A 124 -15.30 -9.98 25.10
CA GLU A 124 -15.45 -11.04 24.11
C GLU A 124 -14.10 -11.57 23.65
N GLN A 125 -13.11 -10.70 23.60
CA GLN A 125 -11.77 -11.09 23.19
C GLN A 125 -10.99 -11.69 24.36
N LEU A 126 -11.19 -11.11 25.54
CA LEU A 126 -10.52 -11.58 26.75
C LEU A 126 -10.86 -13.03 27.06
N LYS A 127 -12.07 -13.44 26.70
CA LYS A 127 -12.52 -14.81 26.93
C LYS A 127 -11.76 -15.78 26.02
N SER A 128 -11.24 -15.27 24.91
CA SER A 128 -10.48 -16.10 23.98
C SER A 128 -9.07 -16.37 24.48
N GLY A 129 -8.57 -15.47 25.34
CA GLY A 129 -7.25 -15.64 25.92
C GLY A 129 -6.24 -14.61 25.45
N THR A 130 -6.72 -13.61 24.71
CA THR A 130 -5.85 -12.58 24.16
C THR A 130 -6.39 -11.19 24.52
N ALA A 131 -5.48 -10.22 24.63
CA ALA A 131 -5.86 -8.85 24.94
C ALA A 131 -5.23 -7.87 23.97
N SER A 132 -6.06 -7.21 23.17
CA SER A 132 -5.58 -6.22 22.21
C SER A 132 -5.94 -4.81 22.67
N VAL A 133 -4.91 -4.01 22.97
CA VAL A 133 -5.11 -2.61 23.35
C VAL A 133 -4.78 -1.71 22.17
N VAL A 134 -5.72 -0.87 21.79
CA VAL A 134 -5.58 -0.06 20.58
C VAL A 134 -5.47 1.44 20.91
N CYS A 135 -4.45 2.08 20.35
CA CYS A 135 -4.28 3.52 20.49
C CYS A 135 -4.52 4.21 19.15
N LEU A 136 -5.46 5.16 19.12
CA LEU A 136 -5.85 5.80 17.87
C LEU A 136 -5.33 7.25 17.78
N LEU A 137 -4.62 7.54 16.70
CA LEU A 137 -4.18 8.89 16.40
C LEU A 137 -4.94 9.41 15.19
N ASN A 138 -5.74 10.46 15.39
CA ASN A 138 -6.70 10.88 14.38
C ASN A 138 -6.37 12.21 13.70
N ASN A 139 -6.25 12.18 12.38
CA ASN A 139 -6.15 13.39 11.55
C ASN A 139 -5.05 14.35 11.99
N PHE A 140 -3.81 14.02 11.66
CA PHE A 140 -2.68 14.87 12.01
C PHE A 140 -1.74 15.11 10.84
N TYR A 141 -0.89 16.12 10.96
CA TYR A 141 0.14 16.42 9.97
C TYR A 141 1.29 17.14 10.65
N PRO A 142 2.53 16.77 10.31
CA PRO A 142 2.96 15.79 9.29
C PRO A 142 2.80 14.34 9.73
N ARG A 143 3.32 13.43 8.91
CA ARG A 143 3.19 12.00 9.14
C ARG A 143 4.04 11.52 10.32
N GLU A 144 5.10 12.26 10.61
CA GLU A 144 6.01 11.89 11.69
C GLU A 144 5.31 11.94 13.05
N ALA A 145 5.14 10.78 13.66
CA ALA A 145 4.52 10.67 14.98
C ALA A 145 5.18 9.56 15.79
N LYS A 146 5.19 9.70 17.11
CA LYS A 146 5.77 8.69 17.98
C LYS A 146 4.76 8.16 18.98
N VAL A 147 4.65 6.84 19.06
CA VAL A 147 3.74 6.20 20.01
C VAL A 147 4.54 5.33 21.00
N GLN A 148 4.19 5.43 22.28
CA GLN A 148 4.88 4.67 23.30
C GLN A 148 3.88 3.98 24.23
N TRP A 149 4.09 2.69 24.46
CA TRP A 149 3.21 1.93 25.34
C TRP A 149 3.77 1.86 26.75
N LYS A 150 3.02 2.38 27.71
CA LYS A 150 3.42 2.36 29.11
C LYS A 150 2.45 1.52 29.94
N VAL A 151 2.92 0.35 30.36
CA VAL A 151 2.15 -0.52 31.23
C VAL A 151 2.67 -0.42 32.67
N ASP A 152 1.90 0.22 33.54
CA ASP A 152 2.34 0.56 34.89
C ASP A 152 3.65 1.36 34.83
N ASN A 153 3.64 2.41 33.99
CA ASN A 153 4.79 3.28 33.78
C ASN A 153 6.03 2.53 33.30
N ALA A 154 5.83 1.39 32.64
CA ALA A 154 6.94 0.64 32.09
C ALA A 154 6.85 0.60 30.56
N LEU A 155 7.93 1.00 29.89
CA LEU A 155 7.97 1.05 28.43
C LEU A 155 7.97 -0.36 27.84
N GLN A 156 7.37 -0.49 26.66
CA GLN A 156 7.31 -1.79 26.00
C GLN A 156 8.17 -1.82 24.74
N SER A 157 8.47 -3.01 24.26
CA SER A 157 9.35 -3.17 23.10
C SER A 157 8.63 -3.80 21.89
N GLY A 158 8.84 -5.10 21.70
CA GLY A 158 8.32 -5.79 20.53
C GLY A 158 6.99 -6.52 20.72
N ASN A 159 5.97 -5.80 21.15
CA ASN A 159 4.63 -6.41 21.29
C ASN A 159 3.53 -5.48 20.79
N SER A 160 3.89 -4.58 19.87
CA SER A 160 2.93 -3.64 19.32
C SER A 160 3.18 -3.40 17.83
N GLN A 161 2.11 -3.42 17.05
CA GLN A 161 2.19 -3.12 15.63
C GLN A 161 1.35 -1.90 15.29
N GLU A 162 1.86 -1.07 14.37
CA GLU A 162 1.16 0.14 13.98
C GLU A 162 1.05 0.26 12.46
N SER A 163 -0.02 0.88 11.99
CA SER A 163 -0.20 1.14 10.57
C SER A 163 -0.75 2.55 10.35
N VAL A 164 -0.48 3.11 9.17
CA VAL A 164 -0.87 4.48 8.87
C VAL A 164 -1.70 4.55 7.58
N THR A 165 -2.70 5.41 7.58
CA THR A 165 -3.51 5.64 6.38
C THR A 165 -2.74 6.49 5.38
N GLU A 166 -3.08 6.36 4.10
CA GLU A 166 -2.55 7.26 3.08
C GLU A 166 -3.01 8.68 3.37
N GLN A 167 -2.26 9.68 2.91
CA GLN A 167 -2.61 11.07 3.15
C GLN A 167 -4.01 11.35 2.62
N ASP A 168 -4.91 11.74 3.53
CA ASP A 168 -6.31 11.98 3.19
C ASP A 168 -6.44 12.97 2.04
N SER A 169 -7.28 12.62 1.07
CA SER A 169 -7.39 13.39 -0.16
C SER A 169 -8.09 14.73 0.03
N LYS A 170 -8.75 14.91 1.17
CA LYS A 170 -9.54 16.11 1.40
C LYS A 170 -8.90 17.10 2.37
N ASP A 171 -8.40 16.60 3.50
CA ASP A 171 -7.80 17.49 4.50
C ASP A 171 -6.28 17.31 4.61
N SER A 172 -5.74 16.41 3.81
CA SER A 172 -4.29 16.19 3.72
C SER A 172 -3.66 15.80 5.05
N THR A 173 -4.36 14.98 5.83
CA THR A 173 -3.85 14.52 7.12
C THR A 173 -3.60 13.02 7.12
N TYR A 174 -2.92 12.55 8.16
CA TYR A 174 -2.66 11.13 8.33
C TYR A 174 -3.37 10.61 9.59
N SER A 175 -3.60 9.30 9.65
CA SER A 175 -4.17 8.68 10.84
C SER A 175 -3.41 7.41 11.18
N LEU A 176 -3.06 7.25 12.45
CA LEU A 176 -2.26 6.12 12.90
C LEU A 176 -3.05 5.23 13.86
N SER A 177 -2.75 3.93 13.84
CA SER A 177 -3.39 2.99 14.75
C SER A 177 -2.39 1.95 15.27
N SER A 178 -2.09 2.04 16.56
CA SER A 178 -1.14 1.11 17.18
C SER A 178 -1.87 0.08 18.03
N THR A 179 -1.43 -1.17 17.96
CA THR A 179 -2.09 -2.25 18.67
C THR A 179 -1.14 -3.02 19.58
N LEU A 180 -1.29 -2.81 20.88
CA LEU A 180 -0.54 -3.58 21.88
C LEU A 180 -1.19 -4.95 22.07
N THR A 181 -0.40 -6.01 21.93
CA THR A 181 -0.95 -7.35 22.00
C THR A 181 -0.29 -8.18 23.10
N LEU A 182 -1.07 -8.48 24.15
CA LEU A 182 -0.58 -9.31 25.25
C LEU A 182 -1.41 -10.60 25.35
N SER A 183 -1.14 -11.39 26.39
CA SER A 183 -1.95 -12.56 26.67
C SER A 183 -3.00 -12.20 27.72
N LYS A 184 -3.94 -13.11 27.98
CA LYS A 184 -4.95 -12.86 28.99
C LYS A 184 -4.33 -12.79 30.38
N ALA A 185 -3.34 -13.64 30.62
CA ALA A 185 -2.66 -13.69 31.90
C ALA A 185 -1.86 -12.42 32.15
N ASP A 186 -1.02 -12.05 31.20
CA ASP A 186 -0.16 -10.88 31.33
C ASP A 186 -0.97 -9.58 31.42
N TYR A 187 -2.11 -9.55 30.75
CA TYR A 187 -2.96 -8.36 30.75
C TYR A 187 -3.58 -8.11 32.13
N GLU A 188 -3.96 -9.19 32.80
CA GLU A 188 -4.59 -9.10 34.12
C GLU A 188 -3.54 -8.99 35.23
N LYS A 189 -2.27 -9.00 34.85
CA LYS A 189 -1.17 -8.90 35.81
C LYS A 189 -0.77 -7.46 36.04
N HIS A 190 -1.45 -6.53 35.38
CA HIS A 190 -1.17 -5.11 35.52
C HIS A 190 -2.44 -4.27 35.64
N LYS A 191 -2.27 -2.97 35.88
CA LYS A 191 -3.40 -2.07 36.10
C LYS A 191 -3.46 -0.96 35.06
N VAL A 192 -2.49 -0.05 35.10
CA VAL A 192 -2.49 1.11 34.22
C VAL A 192 -1.96 0.79 32.82
N TYR A 193 -2.76 1.11 31.82
CA TYR A 193 -2.37 0.93 30.42
C TYR A 193 -2.44 2.27 29.67
N ALA A 194 -1.28 2.77 29.29
CA ALA A 194 -1.20 4.11 28.72
C ALA A 194 -0.51 4.15 27.36
N CYS A 195 -0.86 5.16 26.56
CA CYS A 195 -0.18 5.37 25.29
CA CYS A 195 -0.22 5.39 25.27
C CYS A 195 0.24 6.83 25.16
N GLU A 196 1.55 7.04 25.01
CA GLU A 196 2.11 8.38 24.94
C GLU A 196 2.42 8.76 23.50
N VAL A 197 1.87 9.89 23.06
CA VAL A 197 2.04 10.33 21.68
C VAL A 197 2.89 11.59 21.60
N THR A 198 3.95 11.52 20.79
CA THR A 198 4.81 12.68 20.56
C THR A 198 4.68 13.16 19.11
N HIS A 199 4.25 14.40 18.94
CA HIS A 199 4.03 14.94 17.61
C HIS A 199 4.33 16.45 17.53
N GLN A 200 4.67 16.89 16.33
CA GLN A 200 5.04 18.28 16.05
C GLN A 200 3.99 19.29 16.53
N GLY A 201 2.71 18.93 16.41
CA GLY A 201 1.64 19.82 16.81
C GLY A 201 1.36 19.81 18.30
N LEU A 202 2.09 18.96 19.03
CA LEU A 202 1.94 18.87 20.48
C LEU A 202 3.16 19.41 21.21
N SER A 203 2.95 20.47 21.98
CA SER A 203 4.02 21.07 22.78
C SER A 203 4.55 20.07 23.80
N SER A 204 3.63 19.45 24.52
CA SER A 204 3.97 18.42 25.48
C SER A 204 3.30 17.09 25.10
N PRO A 205 4.05 15.99 25.22
CA PRO A 205 3.58 14.64 24.87
C PRO A 205 2.27 14.26 25.56
N VAL A 206 1.21 14.13 24.77
CA VAL A 206 -0.12 13.79 25.27
C VAL A 206 -0.21 12.30 25.61
N THR A 207 -0.78 11.98 26.77
CA THR A 207 -0.91 10.59 27.20
C THR A 207 -2.36 10.23 27.52
N LYS A 208 -2.83 9.13 26.93
CA LYS A 208 -4.16 8.60 27.24
C LYS A 208 -4.02 7.23 27.91
N SER A 209 -4.81 7.00 28.95
CA SER A 209 -4.68 5.77 29.73
C SER A 209 -6.00 5.28 30.33
N PHE A 210 -5.98 4.07 30.87
CA PHE A 210 -7.13 3.49 31.56
C PHE A 210 -6.65 2.40 32.53
N ASN A 211 -7.48 2.12 33.53
CA ASN A 211 -7.18 1.05 34.47
C ASN A 211 -8.05 -0.17 34.19
N ARG A 212 -7.44 -1.35 34.16
CA ARG A 212 -8.14 -2.57 33.80
C ARG A 212 -9.32 -2.86 34.72
N GLY A 213 -10.46 -3.23 34.14
CA GLY A 213 -11.64 -3.58 34.89
C GLY A 213 -12.51 -2.38 35.22
N GLU A 214 -11.88 -1.26 35.58
CA GLU A 214 -12.60 -0.05 35.94
C GLU A 214 -13.34 0.54 34.75
N GLN B 1 -7.67 0.84 -27.61
CA GLN B 1 -7.32 -0.54 -27.30
C GLN B 1 -5.98 -0.65 -26.59
N VAL B 2 -5.27 -1.75 -26.86
CA VAL B 2 -4.04 -2.08 -26.15
C VAL B 2 -4.30 -2.07 -24.65
N GLN B 3 -5.17 -2.99 -24.22
CA GLN B 3 -5.56 -3.09 -22.82
C GLN B 3 -5.09 -4.41 -22.24
N LEU B 4 -4.12 -4.35 -21.33
CA LEU B 4 -3.57 -5.54 -20.70
C LEU B 4 -4.40 -5.94 -19.48
N VAL B 5 -4.88 -7.17 -19.48
CA VAL B 5 -5.67 -7.68 -18.37
C VAL B 5 -5.00 -8.90 -17.74
N GLN B 6 -4.69 -8.80 -16.45
CA GLN B 6 -4.02 -9.89 -15.74
C GLN B 6 -5.00 -10.79 -15.04
N SER B 7 -4.52 -11.97 -14.63
CA SER B 7 -5.34 -12.96 -13.95
C SER B 7 -5.68 -12.53 -12.52
N GLY B 8 -6.58 -13.27 -11.89
CA GLY B 8 -7.01 -12.97 -10.53
C GLY B 8 -5.94 -13.24 -9.49
N ALA B 9 -6.16 -12.75 -8.28
CA ALA B 9 -5.19 -12.88 -7.19
C ALA B 9 -4.92 -14.33 -6.84
N GLU B 10 -3.68 -14.61 -6.43
CA GLU B 10 -3.26 -15.96 -6.12
C GLU B 10 -2.81 -16.09 -4.67
N VAL B 11 -3.11 -17.23 -4.06
CA VAL B 11 -2.66 -17.53 -2.70
C VAL B 11 -2.02 -18.91 -2.64
N LYS B 12 -0.69 -18.96 -2.63
CA LYS B 12 0.03 -20.21 -2.72
C LYS B 12 0.82 -20.53 -1.46
N ARG B 13 1.17 -21.81 -1.29
CA ARG B 13 2.00 -22.25 -0.19
C ARG B 13 3.46 -22.30 -0.61
N PRO B 14 4.39 -22.15 0.34
CA PRO B 14 5.83 -22.19 0.02
C PRO B 14 6.25 -23.48 -0.68
N GLY B 15 7.11 -23.35 -1.69
CA GLY B 15 7.58 -24.50 -2.43
C GLY B 15 6.75 -24.80 -3.65
N SER B 16 5.53 -24.25 -3.70
CA SER B 16 4.64 -24.46 -4.83
C SER B 16 4.97 -23.51 -5.96
N SER B 17 4.24 -23.65 -7.08
CA SER B 17 4.46 -22.81 -8.24
C SER B 17 3.17 -22.11 -8.65
N VAL B 18 3.31 -20.89 -9.16
CA VAL B 18 2.14 -20.11 -9.58
C VAL B 18 2.33 -19.59 -11.01
N THR B 19 1.22 -19.42 -11.72
CA THR B 19 1.26 -18.89 -13.08
C THR B 19 0.31 -17.71 -13.24
N VAL B 20 0.85 -16.55 -13.58
CA VAL B 20 0.06 -15.35 -13.78
C VAL B 20 -0.05 -15.01 -15.27
N SER B 21 -1.27 -14.98 -15.77
CA SER B 21 -1.51 -14.67 -17.19
C SER B 21 -1.72 -13.17 -17.41
N CYS B 22 -1.58 -12.75 -18.65
CA CYS B 22 -1.75 -11.34 -19.02
C CYS B 22 -2.27 -11.25 -20.46
N LYS B 23 -3.58 -11.20 -20.61
CA LYS B 23 -4.22 -11.22 -21.92
C LYS B 23 -4.28 -9.82 -22.52
N ALA B 24 -3.63 -9.64 -23.66
CA ALA B 24 -3.63 -8.37 -24.37
C ALA B 24 -4.83 -8.24 -25.29
N SER B 25 -5.70 -7.29 -24.99
CA SER B 25 -6.87 -7.04 -25.83
C SER B 25 -6.56 -6.01 -26.91
N GLY B 26 -7.18 -6.16 -28.08
CA GLY B 26 -6.96 -5.24 -29.18
C GLY B 26 -5.51 -5.18 -29.64
N GLY B 27 -5.21 -4.20 -30.47
CA GLY B 27 -3.84 -3.94 -30.91
C GLY B 27 -3.13 -5.13 -31.54
N SER B 28 -1.84 -5.23 -31.27
CA SER B 28 -1.01 -6.29 -31.87
C SER B 28 -0.06 -6.91 -30.84
N PHE B 29 -0.39 -8.13 -30.41
CA PHE B 29 0.33 -8.78 -29.31
C PHE B 29 1.75 -9.22 -29.66
N SER B 30 1.99 -9.60 -30.91
CA SER B 30 3.25 -10.22 -31.30
C SER B 30 4.46 -9.29 -31.43
N THR B 31 4.23 -8.03 -31.78
CA THR B 31 5.33 -7.17 -32.21
C THR B 31 6.20 -6.63 -31.07
N TYR B 32 5.61 -6.39 -29.90
CA TYR B 32 6.29 -5.62 -28.87
C TYR B 32 6.70 -6.44 -27.64
N ALA B 33 7.67 -5.92 -26.88
CA ALA B 33 8.21 -6.64 -25.72
C ALA B 33 7.31 -6.54 -24.50
N LEU B 34 6.70 -7.67 -24.12
CA LEU B 34 5.85 -7.73 -22.95
C LEU B 34 6.69 -8.13 -21.74
N SER B 35 6.96 -7.19 -20.85
CA SER B 35 7.79 -7.45 -19.68
C SER B 35 6.97 -7.69 -18.42
N TRP B 36 7.63 -8.17 -17.37
CA TRP B 36 6.99 -8.41 -16.08
C TRP B 36 7.72 -7.67 -14.97
N VAL B 37 6.95 -6.92 -14.17
CA VAL B 37 7.51 -6.16 -13.07
C VAL B 37 6.68 -6.38 -11.80
N ARG B 38 7.35 -6.72 -10.70
CA ARG B 38 6.65 -6.97 -9.44
C ARG B 38 6.83 -5.81 -8.46
N GLN B 39 5.85 -5.64 -7.58
CA GLN B 39 5.92 -4.62 -6.55
C GLN B 39 5.60 -5.20 -5.18
N ALA B 40 6.64 -5.42 -4.38
CA ALA B 40 6.47 -5.92 -3.03
C ALA B 40 5.69 -4.92 -2.19
N PRO B 41 4.82 -5.42 -1.29
CA PRO B 41 3.97 -4.58 -0.44
C PRO B 41 4.75 -3.52 0.32
N GLY B 42 4.47 -2.25 0.02
CA GLY B 42 5.15 -1.14 0.68
C GLY B 42 6.56 -0.91 0.13
N ARG B 43 6.91 -1.64 -0.92
CA ARG B 43 8.23 -1.51 -1.52
C ARG B 43 8.16 -0.87 -2.89
N GLY B 44 9.27 -0.94 -3.64
CA GLY B 44 9.34 -0.34 -4.94
C GLY B 44 9.09 -1.31 -6.09
N LEU B 45 9.50 -0.91 -7.28
CA LEU B 45 9.30 -1.71 -8.48
C LEU B 45 10.58 -2.45 -8.88
N GLU B 46 10.44 -3.71 -9.29
CA GLU B 46 11.60 -4.51 -9.66
C GLU B 46 11.33 -5.31 -10.94
N TRP B 47 12.16 -5.09 -11.94
CA TRP B 47 12.02 -5.76 -13.23
C TRP B 47 12.47 -7.21 -13.15
N MET B 48 11.63 -8.12 -13.63
CA MET B 48 11.92 -9.54 -13.57
C MET B 48 12.40 -10.08 -14.93
N GLY B 49 11.69 -9.69 -15.99
CA GLY B 49 12.05 -10.13 -17.32
C GLY B 49 11.05 -9.71 -18.37
N GLY B 50 11.35 -10.02 -19.63
CA GLY B 50 10.48 -9.66 -20.74
C GLY B 50 10.50 -10.69 -21.84
N VAL B 51 9.68 -10.48 -22.87
CA VAL B 51 9.60 -11.41 -23.99
C VAL B 51 9.05 -10.74 -25.25
N ILE B 52 9.62 -11.09 -26.39
CA ILE B 52 9.07 -10.69 -27.69
C ILE B 52 8.69 -11.92 -28.49
N PRO B 53 7.38 -12.23 -28.53
CA PRO B 53 6.82 -13.44 -29.16
C PRO B 53 7.24 -13.63 -30.61
N LEU B 54 7.41 -12.53 -31.34
CA LEU B 54 7.69 -12.59 -32.78
C LEU B 54 9.07 -13.17 -33.08
N LEU B 55 10.05 -12.83 -32.22
CA LEU B 55 11.42 -13.26 -32.44
C LEU B 55 11.78 -14.46 -31.58
N THR B 56 10.84 -14.91 -30.75
CA THR B 56 11.07 -15.97 -29.77
C THR B 56 12.31 -15.65 -28.95
N ILE B 57 12.19 -14.63 -28.10
CA ILE B 57 13.33 -14.12 -27.37
C ILE B 57 12.94 -13.74 -25.95
N THR B 58 13.68 -14.26 -24.97
CA THR B 58 13.37 -14.01 -23.57
C THR B 58 14.59 -13.53 -22.80
N ASN B 59 14.38 -12.51 -21.97
CA ASN B 59 15.43 -12.02 -21.08
C ASN B 59 14.97 -12.09 -19.63
N TYR B 60 15.81 -12.64 -18.77
CA TYR B 60 15.49 -12.72 -17.35
C TYR B 60 16.46 -11.89 -16.51
N ALA B 61 15.96 -11.39 -15.38
CA ALA B 61 16.80 -10.71 -14.41
C ALA B 61 17.52 -11.73 -13.53
N PRO B 62 18.83 -11.52 -13.30
CA PRO B 62 19.69 -12.42 -12.53
C PRO B 62 19.08 -12.93 -11.22
N ARG B 63 18.32 -12.08 -10.53
CA ARG B 63 17.73 -12.47 -9.26
C ARG B 63 16.62 -13.50 -9.44
N PHE B 64 16.06 -13.57 -10.65
CA PHE B 64 14.95 -14.49 -10.91
C PHE B 64 15.37 -15.69 -11.75
N GLN B 65 16.51 -15.57 -12.43
CA GLN B 65 17.01 -16.61 -13.33
C GLN B 65 17.06 -17.99 -12.68
N GLY B 66 16.57 -18.99 -13.41
CA GLY B 66 16.54 -20.35 -12.90
C GLY B 66 15.32 -20.61 -12.04
N ARG B 67 14.64 -19.54 -11.65
CA ARG B 67 13.46 -19.65 -10.80
C ARG B 67 12.31 -18.83 -11.40
N ILE B 68 12.17 -18.90 -12.72
CA ILE B 68 11.16 -18.12 -13.43
C ILE B 68 11.02 -18.62 -14.87
N THR B 69 9.84 -18.50 -15.43
CA THR B 69 9.61 -18.91 -16.81
C THR B 69 8.57 -18.02 -17.50
N ILE B 70 9.04 -17.15 -18.39
CA ILE B 70 8.16 -16.26 -19.14
C ILE B 70 7.89 -16.82 -20.53
N THR B 71 6.62 -17.09 -20.82
CA THR B 71 6.23 -17.68 -22.09
C THR B 71 5.32 -16.74 -22.89
N ALA B 72 5.15 -17.04 -24.16
CA ALA B 72 4.31 -16.24 -25.04
C ALA B 72 3.38 -17.12 -25.88
N ASP B 73 2.09 -16.82 -25.85
CA ASP B 73 1.10 -17.56 -26.63
C ASP B 73 0.45 -16.65 -27.66
N ARG B 74 0.98 -16.67 -28.89
CA ARG B 74 0.50 -15.80 -29.96
C ARG B 74 -0.89 -16.22 -30.46
N SER B 75 -1.26 -17.46 -30.16
CA SER B 75 -2.54 -18.01 -30.60
C SER B 75 -3.71 -17.33 -29.88
N THR B 76 -3.49 -16.94 -28.64
CA THR B 76 -4.54 -16.34 -27.82
C THR B 76 -4.18 -14.94 -27.33
N SER B 77 -3.04 -14.43 -27.82
CA SER B 77 -2.54 -13.12 -27.43
C SER B 77 -2.38 -13.00 -25.92
N THR B 78 -1.83 -14.04 -25.30
CA THR B 78 -1.68 -14.08 -23.85
C THR B 78 -0.27 -14.49 -23.43
N ALA B 79 0.43 -13.61 -22.73
CA ALA B 79 1.75 -13.92 -22.19
C ALA B 79 1.61 -14.46 -20.76
N TYR B 80 2.41 -15.47 -20.43
CA TYR B 80 2.32 -16.10 -19.12
C TYR B 80 3.57 -15.85 -18.27
N LEU B 81 3.43 -16.04 -16.96
CA LEU B 81 4.56 -15.91 -16.04
C LEU B 81 4.49 -16.99 -14.97
N GLU B 82 5.42 -17.94 -15.02
CA GLU B 82 5.47 -19.00 -14.03
C GLU B 82 6.53 -18.72 -12.97
N LEU B 83 6.13 -18.86 -11.71
CA LEU B 83 7.03 -18.61 -10.58
C LEU B 83 7.12 -19.86 -9.71
N ASN B 84 8.23 -20.57 -9.81
CA ASN B 84 8.41 -21.83 -9.08
C ASN B 84 9.21 -21.66 -7.80
N SER B 85 9.09 -22.65 -6.92
CA SER B 85 9.78 -22.64 -5.62
C SER B 85 9.46 -21.38 -4.83
N LEU B 86 8.17 -21.12 -4.65
CA LEU B 86 7.71 -19.88 -4.03
C LEU B 86 8.10 -19.78 -2.55
N ARG B 87 8.37 -18.54 -2.15
CA ARG B 87 8.73 -18.22 -0.78
C ARG B 87 7.88 -17.05 -0.27
N PRO B 88 7.76 -16.91 1.07
CA PRO B 88 7.04 -15.77 1.66
C PRO B 88 7.57 -14.42 1.19
N GLU B 89 8.81 -14.39 0.71
CA GLU B 89 9.41 -13.15 0.22
C GLU B 89 9.06 -12.92 -1.25
N ASP B 90 8.27 -13.82 -1.82
CA ASP B 90 7.77 -13.62 -3.18
C ASP B 90 6.43 -12.89 -3.15
N THR B 91 5.86 -12.77 -1.95
CA THR B 91 4.57 -12.12 -1.77
C THR B 91 4.59 -10.68 -2.28
N ALA B 92 3.85 -10.44 -3.35
CA ALA B 92 3.85 -9.13 -4.02
C ALA B 92 2.74 -9.04 -5.06
N VAL B 93 2.64 -7.87 -5.69
CA VAL B 93 1.75 -7.68 -6.82
C VAL B 93 2.57 -7.69 -8.10
N TYR B 94 2.21 -8.57 -9.03
CA TYR B 94 2.99 -8.75 -10.24
C TYR B 94 2.34 -8.07 -11.43
N TYR B 95 3.05 -7.11 -12.02
CA TYR B 95 2.52 -6.34 -13.15
C TYR B 95 3.10 -6.81 -14.48
N CYS B 96 2.24 -6.83 -15.50
CA CYS B 96 2.69 -7.08 -16.86
CA CYS B 96 2.69 -7.08 -16.86
C CYS B 96 2.75 -5.76 -17.61
N ALA B 97 3.87 -5.50 -18.28
CA ALA B 97 4.07 -4.23 -18.95
C ALA B 97 4.56 -4.38 -20.39
N ARG B 98 3.91 -3.66 -21.29
CA ARG B 98 4.29 -3.66 -22.69
C ARG B 98 4.94 -2.34 -23.07
N GLU B 99 6.06 -2.41 -23.78
CA GLU B 99 6.75 -1.21 -24.24
C GLU B 99 5.89 -0.45 -25.24
N GLY B 100 5.93 0.88 -25.16
CA GLY B 100 5.16 1.73 -26.06
C GLY B 100 5.85 1.92 -27.40
N THR B 101 5.18 2.63 -28.31
CA THR B 101 5.73 2.88 -29.64
C THR B 101 5.19 4.18 -30.23
N THR B 102 5.95 4.78 -31.13
CA THR B 102 5.53 6.00 -31.80
C THR B 102 5.13 5.70 -33.25
N GLY B 103 3.88 5.28 -33.44
CA GLY B 103 3.41 4.84 -34.74
C GLY B 103 3.22 3.34 -34.72
N TRP B 104 2.90 2.76 -35.88
CA TRP B 104 2.64 1.32 -35.97
C TRP B 104 3.20 0.72 -37.26
N GLY B 105 3.86 -0.43 -37.12
CA GLY B 105 4.40 -1.14 -38.28
C GLY B 105 5.84 -0.77 -38.56
N TRP B 106 6.18 -0.66 -39.84
CA TRP B 106 7.52 -0.24 -40.21
C TRP B 106 7.70 1.24 -39.87
N LEU B 107 6.56 1.92 -39.74
CA LEU B 107 6.48 3.34 -39.38
C LEU B 107 7.49 3.77 -38.34
N GLY B 108 7.12 3.63 -37.07
CA GLY B 108 7.95 4.09 -35.97
C GLY B 108 8.69 2.96 -35.28
N LYS B 109 9.11 3.22 -34.05
CA LYS B 109 9.87 2.25 -33.29
C LYS B 109 9.39 2.20 -31.85
N PRO B 110 9.46 1.02 -31.22
CA PRO B 110 9.15 0.85 -29.80
C PRO B 110 10.08 1.70 -28.94
N ILE B 111 9.62 2.10 -27.75
CA ILE B 111 10.36 3.05 -26.94
C ILE B 111 11.13 2.38 -25.80
N GLY B 112 10.87 1.11 -25.57
CA GLY B 112 11.53 0.38 -24.51
C GLY B 112 10.89 0.62 -23.17
N ALA B 113 10.55 1.87 -22.89
CA ALA B 113 9.86 2.24 -21.66
C ALA B 113 8.45 1.65 -21.64
N PHE B 114 7.98 1.31 -20.45
CA PHE B 114 6.67 0.67 -20.30
C PHE B 114 5.55 1.71 -20.36
N ALA B 115 4.71 1.61 -21.38
CA ALA B 115 3.64 2.57 -21.57
C ALA B 115 2.27 1.98 -21.29
N HIS B 116 2.19 0.65 -21.29
CA HIS B 116 0.93 -0.03 -21.03
C HIS B 116 1.09 -1.08 -19.93
N TRP B 117 0.23 -1.00 -18.92
CA TRP B 117 0.31 -1.91 -17.78
C TRP B 117 -0.99 -2.65 -17.56
N GLY B 118 -0.91 -3.80 -16.89
CA GLY B 118 -2.08 -4.51 -16.45
C GLY B 118 -2.46 -4.00 -15.08
N GLN B 119 -3.59 -4.47 -14.55
CA GLN B 119 -4.05 -4.03 -13.23
C GLN B 119 -3.19 -4.60 -12.12
N GLY B 120 -2.49 -5.69 -12.43
CA GLY B 120 -1.64 -6.35 -11.45
C GLY B 120 -2.32 -7.55 -10.83
N THR B 121 -1.52 -8.49 -10.35
CA THR B 121 -2.04 -9.68 -9.69
C THR B 121 -1.35 -9.92 -8.37
N LEU B 122 -2.13 -9.91 -7.29
CA LEU B 122 -1.59 -10.13 -5.95
C LEU B 122 -1.27 -11.60 -5.71
N VAL B 123 0.02 -11.92 -5.63
CA VAL B 123 0.45 -13.26 -5.30
C VAL B 123 0.83 -13.34 -3.82
N THR B 124 0.05 -14.09 -3.05
CA THR B 124 0.30 -14.24 -1.62
C THR B 124 0.89 -15.60 -1.30
N VAL B 125 2.11 -15.61 -0.77
CA VAL B 125 2.75 -16.86 -0.40
C VAL B 125 2.79 -17.02 1.12
N SER B 126 2.10 -18.04 1.61
CA SER B 126 2.02 -18.29 3.05
C SER B 126 1.60 -19.74 3.33
N SER B 127 2.00 -20.24 4.49
CA SER B 127 1.62 -21.57 4.92
C SER B 127 0.33 -21.53 5.73
N ALA B 128 -0.15 -20.32 5.99
CA ALA B 128 -1.38 -20.14 6.74
C ALA B 128 -2.59 -20.63 5.94
N SER B 129 -3.68 -20.93 6.64
CA SER B 129 -4.89 -21.41 5.99
C SER B 129 -5.94 -20.31 5.90
N THR B 130 -6.92 -20.51 5.03
CA THR B 130 -8.04 -19.59 4.90
C THR B 130 -8.82 -19.57 6.20
N LYS B 131 -9.06 -18.37 6.74
CA LYS B 131 -9.74 -18.25 8.03
C LYS B 131 -10.57 -16.96 8.11
N GLY B 132 -11.84 -17.11 8.45
CA GLY B 132 -12.72 -15.97 8.66
C GLY B 132 -12.25 -15.17 9.87
N PRO B 133 -12.55 -13.86 9.86
CA PRO B 133 -12.07 -12.96 10.92
C PRO B 133 -12.91 -12.99 12.18
N SER B 134 -12.32 -12.59 13.30
CA SER B 134 -13.06 -12.39 14.54
C SER B 134 -13.22 -10.90 14.79
N VAL B 135 -14.46 -10.43 14.84
CA VAL B 135 -14.72 -9.00 14.97
C VAL B 135 -14.97 -8.59 16.42
N PHE B 136 -14.08 -7.75 16.94
CA PHE B 136 -14.22 -7.21 18.30
C PHE B 136 -14.49 -5.71 18.25
N PRO B 137 -15.37 -5.23 19.13
CA PRO B 137 -15.73 -3.81 19.13
C PRO B 137 -14.69 -2.92 19.81
N LEU B 138 -14.54 -1.70 19.30
CA LEU B 138 -13.76 -0.68 19.98
C LEU B 138 -14.71 0.32 20.62
N ALA B 139 -15.18 -0.02 21.81
CA ALA B 139 -16.22 0.74 22.49
C ALA B 139 -15.84 2.21 22.68
N PRO B 140 -16.76 3.11 22.31
CA PRO B 140 -16.56 4.55 22.51
C PRO B 140 -16.42 4.86 23.99
N SER B 141 -15.34 5.57 24.34
CA SER B 141 -15.03 5.87 25.73
C SER B 141 -16.19 6.56 26.46
N SER B 142 -16.48 6.11 27.67
CA SER B 142 -17.50 6.72 28.50
C SER B 142 -17.12 8.16 28.84
N LYS B 143 -15.82 8.42 28.93
CA LYS B 143 -15.31 9.75 29.20
C LYS B 143 -15.27 10.58 27.93
N GLY B 148 -19.14 17.17 22.16
CA GLY B 148 -17.91 17.14 21.40
C GLY B 148 -17.90 16.03 20.37
N THR B 149 -16.74 15.37 20.23
CA THR B 149 -16.58 14.28 19.26
C THR B 149 -15.96 13.04 19.91
N ALA B 150 -16.62 11.91 19.75
CA ALA B 150 -16.12 10.64 20.26
C ALA B 150 -15.62 9.76 19.12
N ALA B 151 -14.96 8.66 19.45
CA ALA B 151 -14.44 7.75 18.44
C ALA B 151 -14.68 6.28 18.82
N LEU B 152 -15.20 5.51 17.86
CA LEU B 152 -15.45 4.10 18.05
C LEU B 152 -15.02 3.31 16.81
N GLY B 153 -15.07 1.98 16.91
CA GLY B 153 -14.70 1.14 15.79
C GLY B 153 -14.79 -0.35 16.03
N CYS B 154 -14.35 -1.14 15.06
CA CYS B 154 -14.33 -2.59 15.15
CA CYS B 154 -14.30 -2.58 15.23
C CYS B 154 -12.95 -3.15 14.82
N LEU B 155 -12.44 -4.04 15.65
CA LEU B 155 -11.15 -4.66 15.42
C LEU B 155 -11.31 -6.00 14.69
N VAL B 156 -10.83 -6.04 13.45
CA VAL B 156 -10.91 -7.24 12.63
C VAL B 156 -9.63 -8.05 12.78
N LYS B 157 -9.69 -9.13 13.58
CA LYS B 157 -8.49 -9.83 14.00
C LYS B 157 -8.41 -11.29 13.54
N ASP B 158 -7.20 -11.71 13.18
CA ASP B 158 -6.88 -13.10 12.85
C ASP B 158 -7.66 -13.62 11.64
N TYR B 159 -7.32 -13.10 10.46
CA TYR B 159 -7.92 -13.60 9.23
C TYR B 159 -6.87 -13.83 8.16
N PHE B 160 -7.22 -14.64 7.16
CA PHE B 160 -6.32 -14.92 6.05
C PHE B 160 -7.09 -15.45 4.85
N PRO B 161 -6.76 -14.94 3.65
CA PRO B 161 -5.79 -13.87 3.44
C PRO B 161 -6.46 -12.52 3.23
N GLU B 162 -5.68 -11.53 2.78
CA GLU B 162 -6.22 -10.26 2.34
C GLU B 162 -7.18 -10.48 1.18
N PRO B 163 -8.15 -9.58 0.99
CA PRO B 163 -8.43 -8.38 1.80
C PRO B 163 -9.68 -8.52 2.67
N VAL B 164 -9.85 -7.56 3.57
CA VAL B 164 -11.08 -7.43 4.34
C VAL B 164 -11.69 -6.05 4.10
N THR B 165 -12.98 -6.02 3.80
CA THR B 165 -13.67 -4.75 3.56
C THR B 165 -14.60 -4.44 4.72
N VAL B 166 -14.69 -3.17 5.08
CA VAL B 166 -15.54 -2.75 6.20
C VAL B 166 -16.37 -1.52 5.85
N SER B 167 -17.69 -1.66 5.94
CA SER B 167 -18.60 -0.52 5.77
C SER B 167 -19.31 -0.24 7.09
N TRP B 168 -19.77 1.00 7.27
CA TRP B 168 -20.46 1.39 8.50
C TRP B 168 -21.92 1.73 8.26
N ASN B 169 -22.80 1.06 9.00
CA ASN B 169 -24.24 1.26 8.87
C ASN B 169 -24.71 1.06 7.44
N SER B 170 -24.25 -0.03 6.82
CA SER B 170 -24.61 -0.39 5.45
C SER B 170 -24.20 0.69 4.43
N GLY B 171 -23.21 1.51 4.80
CA GLY B 171 -22.67 2.50 3.89
C GLY B 171 -23.19 3.90 4.11
N ALA B 172 -24.13 4.04 5.04
CA ALA B 172 -24.72 5.34 5.34
C ALA B 172 -23.75 6.25 6.11
N LEU B 173 -22.63 5.67 6.54
CA LEU B 173 -21.63 6.42 7.28
C LEU B 173 -20.28 6.34 6.57
N THR B 174 -19.88 7.42 5.92
CA THR B 174 -18.69 7.43 5.09
C THR B 174 -17.63 8.44 5.56
N SER B 175 -18.06 9.65 5.91
CA SER B 175 -17.12 10.66 6.40
C SER B 175 -16.74 10.41 7.85
N GLY B 176 -15.45 10.57 8.15
CA GLY B 176 -14.96 10.29 9.49
C GLY B 176 -14.55 8.85 9.64
N VAL B 177 -14.75 8.07 8.59
CA VAL B 177 -14.40 6.65 8.59
C VAL B 177 -12.97 6.41 8.14
N HIS B 178 -12.24 5.63 8.93
CA HIS B 178 -10.87 5.26 8.59
C HIS B 178 -10.66 3.76 8.75
N THR B 179 -10.26 3.10 7.65
CA THR B 179 -9.93 1.69 7.70
C THR B 179 -8.45 1.50 7.40
N PHE B 180 -7.67 1.23 8.45
CA PHE B 180 -6.22 1.16 8.35
C PHE B 180 -5.75 -0.06 7.57
N PRO B 181 -4.56 0.05 6.96
CA PRO B 181 -3.94 -1.11 6.30
C PRO B 181 -3.68 -2.23 7.30
N ALA B 182 -3.99 -3.46 6.93
CA ALA B 182 -3.83 -4.60 7.82
C ALA B 182 -2.36 -4.86 8.12
N VAL B 183 -2.10 -5.53 9.24
CA VAL B 183 -0.74 -5.94 9.59
C VAL B 183 -0.64 -7.45 9.64
N LEU B 184 0.52 -7.97 9.28
CA LEU B 184 0.76 -9.40 9.33
C LEU B 184 1.41 -9.78 10.65
N GLN B 185 0.64 -10.42 11.52
CA GLN B 185 1.12 -10.80 12.84
C GLN B 185 2.14 -11.94 12.75
N SER B 186 2.84 -12.18 13.85
CA SER B 186 3.84 -13.24 13.90
C SER B 186 3.19 -14.62 13.81
N SER B 187 1.88 -14.69 14.06
CA SER B 187 1.14 -15.93 13.95
C SER B 187 0.94 -16.33 12.49
N GLY B 188 1.04 -15.35 11.60
CA GLY B 188 0.85 -15.58 10.18
C GLY B 188 -0.51 -15.12 9.71
N LEU B 189 -1.32 -14.63 10.64
CA LEU B 189 -2.66 -14.16 10.32
C LEU B 189 -2.69 -12.64 10.25
N TYR B 190 -3.64 -12.11 9.48
CA TYR B 190 -3.78 -10.66 9.31
C TYR B 190 -4.71 -10.05 10.36
N SER B 191 -4.61 -8.73 10.52
CA SER B 191 -5.43 -8.00 11.48
C SER B 191 -5.49 -6.51 11.16
N LEU B 192 -6.67 -5.99 10.85
CA LEU B 192 -6.83 -4.56 10.64
C LEU B 192 -7.74 -3.93 11.68
N SER B 193 -7.81 -2.60 11.64
CA SER B 193 -8.70 -1.87 12.50
C SER B 193 -9.47 -0.81 11.70
N SER B 194 -10.77 -0.69 11.98
CA SER B 194 -11.59 0.31 11.31
C SER B 194 -12.30 1.19 12.35
N VAL B 195 -12.24 2.50 12.16
CA VAL B 195 -12.81 3.43 13.13
C VAL B 195 -13.64 4.50 12.45
N VAL B 196 -14.47 5.19 13.25
CA VAL B 196 -15.26 6.31 12.75
C VAL B 196 -15.55 7.28 13.89
N THR B 197 -15.26 8.57 13.67
CA THR B 197 -15.50 9.58 14.68
C THR B 197 -16.90 10.17 14.57
N VAL B 198 -17.67 10.03 15.65
CA VAL B 198 -19.05 10.46 15.65
C VAL B 198 -19.31 11.43 16.81
N PRO B 199 -20.34 12.27 16.67
CA PRO B 199 -20.75 13.18 17.76
C PRO B 199 -21.14 12.41 19.02
N SER B 200 -20.77 12.92 20.18
CA SER B 200 -21.01 12.24 21.45
C SER B 200 -22.49 12.22 21.84
N SER B 201 -23.22 13.27 21.45
CA SER B 201 -24.61 13.43 21.84
C SER B 201 -25.51 12.33 21.26
N SER B 202 -25.05 11.66 20.22
CA SER B 202 -25.85 10.63 19.56
C SER B 202 -25.46 9.23 20.02
N LEU B 203 -24.40 9.14 20.81
CA LEU B 203 -23.86 7.85 21.27
C LEU B 203 -24.90 6.96 21.94
N GLY B 204 -25.72 7.55 22.79
CA GLY B 204 -26.72 6.81 23.52
C GLY B 204 -27.86 6.30 22.66
N THR B 205 -28.24 7.08 21.65
CA THR B 205 -29.40 6.78 20.83
C THR B 205 -29.05 6.08 19.53
N GLN B 206 -28.06 6.62 18.83
CA GLN B 206 -27.70 6.11 17.51
C GLN B 206 -27.03 4.73 17.57
N THR B 207 -27.51 3.82 16.72
CA THR B 207 -26.94 2.49 16.62
C THR B 207 -25.84 2.45 15.56
N TYR B 208 -24.66 1.97 15.95
CA TYR B 208 -23.54 1.87 15.02
C TYR B 208 -23.15 0.43 14.75
N ILE B 209 -23.22 0.04 13.48
CA ILE B 209 -22.91 -1.32 13.06
C ILE B 209 -21.84 -1.34 11.99
N CYS B 210 -20.69 -1.96 12.27
CA CYS B 210 -19.65 -2.11 11.27
CA CYS B 210 -19.67 -2.10 11.24
C CYS B 210 -19.86 -3.41 10.48
N ASN B 211 -19.91 -3.29 9.16
CA ASN B 211 -20.17 -4.44 8.30
C ASN B 211 -18.87 -5.00 7.71
N VAL B 212 -18.37 -6.06 8.31
CA VAL B 212 -17.12 -6.68 7.87
C VAL B 212 -17.37 -7.79 6.86
N ASN B 213 -16.74 -7.69 5.69
N ASN B 213 -16.73 -7.68 5.70
CA ASN B 213 -16.87 -8.71 4.67
CA ASN B 213 -16.87 -8.68 4.65
C ASN B 213 -15.51 -9.27 4.28
C ASN B 213 -15.51 -9.28 4.28
N HIS B 214 -15.41 -10.60 4.27
CA HIS B 214 -14.18 -11.29 3.91
C HIS B 214 -14.42 -12.31 2.80
N LYS B 215 -14.33 -11.87 1.56
CA LYS B 215 -14.62 -12.70 0.40
C LYS B 215 -13.80 -14.01 0.28
N PRO B 216 -12.47 -13.96 0.53
CA PRO B 216 -11.71 -15.21 0.37
C PRO B 216 -12.21 -16.36 1.24
N SER B 217 -12.80 -16.05 2.38
CA SER B 217 -13.36 -17.08 3.26
C SER B 217 -14.88 -17.14 3.13
N ASN B 218 -15.43 -16.27 2.29
CA ASN B 218 -16.87 -16.16 2.09
C ASN B 218 -17.64 -15.96 3.39
N THR B 219 -17.12 -15.07 4.23
CA THR B 219 -17.70 -14.83 5.54
C THR B 219 -18.19 -13.38 5.67
N LYS B 220 -19.38 -13.20 6.24
CA LYS B 220 -19.93 -11.87 6.47
C LYS B 220 -20.32 -11.69 7.93
N VAL B 221 -19.82 -10.63 8.56
CA VAL B 221 -20.13 -10.36 9.96
C VAL B 221 -20.54 -8.90 10.20
N ASP B 222 -21.70 -8.73 10.84
CA ASP B 222 -22.13 -7.41 11.28
C ASP B 222 -21.98 -7.29 12.79
N LYS B 223 -21.24 -6.29 13.24
CA LYS B 223 -21.00 -6.12 14.67
C LYS B 223 -21.43 -4.74 15.14
N LYS B 224 -22.38 -4.70 16.06
CA LYS B 224 -22.84 -3.44 16.61
C LYS B 224 -21.90 -2.94 17.71
N VAL B 225 -21.36 -1.76 17.53
CA VAL B 225 -20.48 -1.13 18.52
C VAL B 225 -21.27 -0.24 19.47
N GLU B 226 -21.51 -0.73 20.67
CA GLU B 226 -22.23 0.04 21.68
C GLU B 226 -21.31 0.35 22.86
N PRO B 227 -21.53 1.50 23.52
CA PRO B 227 -20.73 1.93 24.67
C PRO B 227 -20.72 0.90 25.80
N LYS B 228 -19.59 0.77 26.47
CA LYS B 228 -19.46 -0.17 27.58
C LYS B 228 -20.13 0.36 28.85
N SER B 229 -20.97 -0.45 29.46
CA SER B 229 -21.70 -0.04 30.66
C SER B 229 -21.06 -0.58 31.93
N CYS B 230 -20.83 0.31 32.89
CA CYS B 230 -20.22 -0.07 34.16
C CYS B 230 -20.43 1.00 35.24
C1 GOL C . -4.52 -1.25 12.42
O1 GOL C . -4.69 -2.31 11.50
C2 GOL C . -4.06 -1.82 13.77
O2 GOL C . -3.07 -1.01 14.36
C3 GOL C . -3.54 -3.23 13.58
O3 GOL C . -2.13 -3.25 13.67
#